data_4LQZ
#
_entry.id   4LQZ
#
_cell.length_a   60.352
_cell.length_b   60.352
_cell.length_c   37.388
_cell.angle_alpha   90.000
_cell.angle_beta   90.000
_cell.angle_gamma   90.000
#
_symmetry.space_group_name_H-M   'P 4'
#
loop_
_entity.id
_entity.type
_entity.pdbx_description
1 polymer 'Uncharacterized protein'
2 non-polymer 'PHOSPHATE ION'
3 non-polymer 'CHLORIDE ION'
4 water water
#
_entity_poly.entity_id   1
_entity_poly.type   'polypeptide(L)'
_entity_poly.pdbx_seq_one_letter_code
;(MSE)GSDKIHHHHHHENLYFQGQRFEIQQHNETIGSIYFSADYAHIRGIEKGTAKYFIDKVGSKRYLFIEYIPDNVLNC
KPDFWKTLKYKKDKVTYYVYLIENLDDEVFHLSALQD(MSE)NRIPIDIADDVAT(MSE)GKSPHQNDR(MSE)TLKLNK
NN
;
_entity_poly.pdbx_strand_id   A
#
loop_
_chem_comp.id
_chem_comp.type
_chem_comp.name
_chem_comp.formula
CL non-polymer 'CHLORIDE ION' 'Cl -1'
PO4 non-polymer 'PHOSPHATE ION' 'O4 P -3'
#
# COMPACT_ATOMS: atom_id res chain seq x y z
N GLU A 13 2.76 13.94 10.51
CA GLU A 13 2.70 13.13 9.30
C GLU A 13 1.33 13.27 8.59
N ASN A 14 0.99 12.28 7.73
CA ASN A 14 -0.25 12.25 6.94
C ASN A 14 -1.31 11.30 7.54
N LEU A 15 -2.49 11.86 7.89
CA LEU A 15 -3.62 11.18 8.54
C LEU A 15 -4.77 10.79 7.57
N TYR A 16 -4.49 10.70 6.26
CA TYR A 16 -5.47 10.40 5.19
C TYR A 16 -6.29 9.10 5.45
N PHE A 17 -5.66 8.05 5.99
CA PHE A 17 -6.31 6.76 6.26
C PHE A 17 -6.53 6.51 7.76
N GLN A 18 -5.92 7.34 8.63
CA GLN A 18 -6.00 7.16 10.07
C GLN A 18 -7.45 7.08 10.53
N GLY A 19 -7.76 6.01 11.25
CA GLY A 19 -9.07 5.73 11.80
C GLY A 19 -10.03 5.05 10.85
N GLN A 20 -9.58 4.79 9.58
CA GLN A 20 -10.42 4.16 8.56
C GLN A 20 -10.18 2.65 8.46
N ARG A 21 -11.27 1.91 8.22
CA ARG A 21 -11.33 0.47 8.03
C ARG A 21 -11.82 0.16 6.62
N PHE A 22 -11.07 -0.66 5.88
CA PHE A 22 -11.44 -1.04 4.51
C PHE A 22 -11.57 -2.52 4.33
N GLU A 23 -12.43 -2.89 3.41
CA GLU A 23 -12.54 -4.28 2.99
C GLU A 23 -11.47 -4.44 1.91
N ILE A 24 -10.71 -5.52 1.97
CA ILE A 24 -9.65 -5.78 1.00
C ILE A 24 -10.13 -6.74 -0.08
N GLN A 25 -9.96 -6.32 -1.34
CA GLN A 25 -10.33 -7.13 -2.50
C GLN A 25 -9.17 -7.21 -3.47
N GLN A 26 -9.02 -8.38 -4.07
CA GLN A 26 -8.00 -8.65 -5.07
C GLN A 26 -8.57 -9.71 -6.00
N HIS A 27 -8.60 -9.42 -7.30
CA HIS A 27 -9.21 -10.28 -8.34
C HIS A 27 -10.70 -10.53 -7.98
N ASN A 28 -11.40 -9.44 -7.62
CA ASN A 28 -12.84 -9.35 -7.28
C ASN A 28 -13.25 -10.23 -6.08
N GLU A 29 -12.26 -10.72 -5.30
CA GLU A 29 -12.53 -11.54 -4.13
C GLU A 29 -12.08 -10.83 -2.88
N THR A 30 -12.92 -10.88 -1.84
CA THR A 30 -12.61 -10.36 -0.53
C THR A 30 -11.52 -11.25 0.11
N ILE A 31 -10.43 -10.65 0.58
CA ILE A 31 -9.33 -11.42 1.18
C ILE A 31 -9.09 -10.97 2.64
N GLY A 32 -9.95 -10.06 3.14
CA GLY A 32 -9.86 -9.55 4.50
C GLY A 32 -10.20 -8.08 4.69
N SER A 33 -9.94 -7.55 5.91
CA SER A 33 -10.15 -6.15 6.29
C SER A 33 -8.84 -5.54 6.79
N ILE A 34 -8.73 -4.22 6.66
CA ILE A 34 -7.56 -3.47 7.11
C ILE A 34 -8.04 -2.21 7.81
N TYR A 35 -7.53 -1.98 9.01
CA TYR A 35 -7.81 -0.79 9.79
C TYR A 35 -6.51 -0.03 9.99
N PHE A 36 -6.48 1.24 9.64
CA PHE A 36 -5.26 2.05 9.81
C PHE A 36 -5.32 2.91 11.06
N SER A 37 -4.30 2.79 11.96
CA SER A 37 -4.22 3.71 13.10
C SER A 37 -3.22 4.81 12.79
N ALA A 38 -2.60 5.42 13.81
CA ALA A 38 -1.59 6.43 13.52
C ALA A 38 -0.33 5.75 12.95
N ASP A 39 0.09 4.58 13.49
CA ASP A 39 1.34 3.94 13.03
C ASP A 39 1.25 2.59 12.33
N TYR A 40 0.16 1.84 12.55
CA TYR A 40 0.07 0.50 11.98
C TYR A 40 -1.19 0.23 11.19
N ALA A 41 -1.08 -0.67 10.23
CA ALA A 41 -2.23 -1.24 9.54
C ALA A 41 -2.55 -2.48 10.32
N HIS A 42 -3.81 -2.64 10.72
CA HIS A 42 -4.25 -3.81 11.47
C HIS A 42 -5.03 -4.69 10.48
N ILE A 43 -4.43 -5.84 10.14
CA ILE A 43 -4.96 -6.72 9.10
C ILE A 43 -5.69 -7.90 9.71
N ARG A 44 -6.88 -8.19 9.15
CA ARG A 44 -7.68 -9.36 9.50
C ARG A 44 -7.91 -10.13 8.20
N GLY A 45 -7.09 -11.16 7.94
CA GLY A 45 -7.21 -12.03 6.76
C GLY A 45 -7.47 -13.44 7.19
N ILE A 46 -6.59 -14.41 6.78
CA ILE A 46 -6.65 -15.81 7.26
C ILE A 46 -6.30 -15.78 8.74
N GLU A 47 -5.41 -14.83 9.08
CA GLU A 47 -4.96 -14.57 10.45
C GLU A 47 -4.87 -13.09 10.67
N LYS A 48 -4.56 -12.68 11.91
CA LYS A 48 -4.36 -11.27 12.25
C LYS A 48 -2.91 -10.90 12.06
N GLY A 49 -2.67 -9.66 11.70
CA GLY A 49 -1.30 -9.17 11.57
C GLY A 49 -1.21 -7.67 11.65
N THR A 50 -0.01 -7.16 11.82
CA THR A 50 0.19 -5.70 11.81
C THR A 50 1.33 -5.39 10.86
N ALA A 51 1.28 -4.18 10.32
CA ALA A 51 2.30 -3.70 9.42
C ALA A 51 2.51 -2.21 9.63
N LYS A 52 3.79 -1.79 9.82
CA LYS A 52 4.12 -0.36 9.92
C LYS A 52 3.75 0.29 8.59
N TYR A 53 3.23 1.52 8.63
CA TYR A 53 2.83 2.22 7.41
C TYR A 53 2.92 3.72 7.65
N PHE A 54 2.90 4.45 6.55
CA PHE A 54 2.77 5.90 6.50
C PHE A 54 2.33 6.29 5.11
N ILE A 55 1.75 7.49 5.02
CA ILE A 55 1.27 8.05 3.74
C ILE A 55 2.03 9.34 3.48
N ASP A 56 2.47 9.52 2.23
CA ASP A 56 3.12 10.75 1.83
C ASP A 56 2.39 11.34 0.62
N LYS A 57 2.02 12.62 0.72
CA LYS A 57 1.39 13.34 -0.37
C LYS A 57 2.45 14.21 -1.00
N VAL A 58 2.73 13.96 -2.27
CA VAL A 58 3.70 14.75 -3.03
C VAL A 58 2.98 15.18 -4.30
N GLY A 59 2.86 16.50 -4.45
CA GLY A 59 2.11 17.10 -5.54
C GLY A 59 0.64 16.84 -5.35
N SER A 60 0.02 16.20 -6.35
CA SER A 60 -1.40 15.87 -6.34
CA SER A 60 -1.41 15.88 -6.33
C SER A 60 -1.65 14.45 -5.87
N LYS A 61 -0.63 13.57 -5.98
CA LYS A 61 -0.77 12.16 -5.62
C LYS A 61 -0.35 11.81 -4.18
N ARG A 62 -1.02 10.79 -3.60
CA ARG A 62 -0.76 10.20 -2.28
C ARG A 62 -0.19 8.79 -2.46
N TYR A 63 0.78 8.43 -1.61
CA TYR A 63 1.42 7.13 -1.71
C TYR A 63 1.39 6.42 -0.38
N LEU A 64 1.06 5.13 -0.41
CA LEU A 64 1.07 4.28 0.77
C LEU A 64 2.42 3.60 0.85
N PHE A 65 3.07 3.70 2.02
CA PHE A 65 4.32 3.03 2.35
C PHE A 65 3.96 1.95 3.37
N ILE A 66 4.09 0.67 3.06
CA ILE A 66 3.67 -0.36 4.01
C ILE A 66 4.67 -1.55 4.05
N GLU A 67 4.89 -2.09 5.27
CA GLU A 67 5.71 -3.29 5.46
C GLU A 67 5.06 -4.44 4.78
N TYR A 68 5.84 -5.46 4.43
CA TYR A 68 5.33 -6.67 3.84
C TYR A 68 4.37 -7.39 4.80
N ILE A 69 3.21 -7.85 4.28
CA ILE A 69 2.21 -8.63 5.03
C ILE A 69 2.31 -10.03 4.47
N PRO A 70 2.68 -11.06 5.27
CA PRO A 70 2.84 -12.41 4.68
C PRO A 70 1.51 -13.08 4.36
N ASP A 71 1.52 -14.03 3.41
CA ASP A 71 0.32 -14.74 2.95
C ASP A 71 -0.24 -15.71 4.00
N ASN A 72 0.45 -15.90 5.17
CA ASN A 72 -0.14 -16.67 6.27
C ASN A 72 -1.13 -15.73 7.02
N VAL A 73 -1.05 -14.42 6.74
CA VAL A 73 -1.93 -13.38 7.31
C VAL A 73 -2.91 -12.90 6.23
N LEU A 74 -2.39 -12.37 5.11
CA LEU A 74 -3.20 -11.85 4.03
C LEU A 74 -2.90 -12.60 2.76
N ASN A 75 -3.83 -13.44 2.34
CA ASN A 75 -3.63 -14.29 1.18
C ASN A 75 -3.95 -13.56 -0.12
N CYS A 76 -2.95 -12.83 -0.62
CA CYS A 76 -3.01 -12.06 -1.86
C CYS A 76 -1.95 -12.58 -2.83
N LYS A 77 -2.09 -12.25 -4.14
CA LYS A 77 -1.14 -12.66 -5.19
C LYS A 77 0.22 -12.01 -4.92
N PRO A 78 1.31 -12.79 -4.91
CA PRO A 78 2.63 -12.24 -4.55
C PRO A 78 3.17 -11.12 -5.43
N ASP A 79 2.77 -11.03 -6.72
CA ASP A 79 3.30 -9.97 -7.59
C ASP A 79 2.74 -8.58 -7.23
N PHE A 80 1.77 -8.53 -6.29
CA PHE A 80 1.26 -7.29 -5.69
C PHE A 80 2.44 -6.58 -5.00
N TRP A 81 3.39 -7.38 -4.46
CA TRP A 81 4.58 -6.93 -3.75
C TRP A 81 5.73 -6.56 -4.70
N LYS A 82 5.51 -6.64 -6.03
CA LYS A 82 6.52 -6.22 -7.00
C LYS A 82 6.34 -4.71 -7.25
N THR A 83 6.99 -3.89 -6.38
CA THR A 83 6.84 -2.43 -6.42
C THR A 83 8.08 -1.73 -5.85
N LEU A 84 8.17 -0.39 -6.03
CA LEU A 84 9.23 0.46 -5.50
C LEU A 84 9.37 0.26 -3.96
N LYS A 85 10.62 0.22 -3.47
CA LYS A 85 10.86 0.05 -2.04
C LYS A 85 11.50 1.29 -1.45
N TYR A 86 11.14 1.55 -0.19
CA TYR A 86 11.64 2.65 0.62
C TYR A 86 12.19 2.08 1.92
N LYS A 87 13.39 2.53 2.32
CA LYS A 87 14.05 2.10 3.54
C LYS A 87 14.38 3.28 4.45
N LYS A 88 13.66 3.33 5.58
CA LYS A 88 13.81 4.29 6.68
C LYS A 88 14.13 3.47 7.89
N ASP A 89 15.28 3.76 8.53
CA ASP A 89 15.83 3.05 9.67
C ASP A 89 16.12 1.60 9.25
N LYS A 90 15.49 0.62 9.90
CA LYS A 90 15.71 -0.79 9.60
C LYS A 90 14.51 -1.41 8.91
N VAL A 91 13.41 -0.65 8.82
CA VAL A 91 12.18 -1.13 8.21
C VAL A 91 12.12 -0.76 6.71
N THR A 92 11.86 -1.78 5.88
CA THR A 92 11.65 -1.69 4.44
C THR A 92 10.13 -1.59 4.17
N TYR A 93 9.75 -0.59 3.38
CA TYR A 93 8.35 -0.34 3.01
C TYR A 93 8.13 -0.58 1.53
N TYR A 94 6.96 -1.14 1.18
CA TYR A 94 6.48 -1.36 -0.19
C TYR A 94 5.59 -0.16 -0.54
N VAL A 95 5.89 0.55 -1.63
CA VAL A 95 5.23 1.81 -1.96
C VAL A 95 4.12 1.62 -3.05
N TYR A 96 2.92 2.18 -2.79
CA TYR A 96 1.78 2.10 -3.71
C TYR A 96 1.16 3.43 -3.95
N LEU A 97 0.74 3.66 -5.20
CA LEU A 97 -0.01 4.84 -5.51
C LEU A 97 -1.43 4.60 -5.00
N ILE A 98 -1.93 5.51 -4.16
CA ILE A 98 -3.31 5.42 -3.68
C ILE A 98 -4.20 6.11 -4.72
N GLU A 99 -5.13 5.35 -5.34
CA GLU A 99 -6.09 5.99 -6.24
C GLU A 99 -7.45 6.02 -5.56
N ASN A 100 -8.05 7.19 -5.48
CA ASN A 100 -9.39 7.34 -4.87
C ASN A 100 -10.37 7.58 -5.99
N LEU A 101 -11.24 6.62 -6.28
CA LEU A 101 -12.20 6.78 -7.37
C LEU A 101 -13.40 7.64 -7.00
N ASP A 102 -13.94 7.49 -5.78
CA ASP A 102 -15.20 8.17 -5.43
C ASP A 102 -15.44 8.22 -3.90
N ASP A 103 -14.38 8.07 -3.10
CA ASP A 103 -14.37 8.08 -1.61
C ASP A 103 -14.98 6.81 -1.02
N GLU A 104 -15.21 5.80 -1.87
CA GLU A 104 -15.72 4.50 -1.45
C GLU A 104 -14.76 3.45 -1.95
N VAL A 105 -14.44 3.49 -3.26
CA VAL A 105 -13.55 2.54 -3.93
C VAL A 105 -12.15 3.16 -4.06
N PHE A 106 -11.15 2.48 -3.53
CA PHE A 106 -9.75 2.90 -3.60
C PHE A 106 -8.88 1.80 -4.21
N HIS A 107 -7.76 2.17 -4.85
CA HIS A 107 -6.77 1.20 -5.31
C HIS A 107 -5.44 1.46 -4.67
N LEU A 108 -4.72 0.36 -4.45
CA LEU A 108 -3.32 0.36 -4.02
C LEU A 108 -2.61 -0.12 -5.25
N SER A 109 -2.03 0.80 -6.03
CA SER A 109 -1.41 0.41 -7.30
C SER A 109 0.09 0.39 -7.22
N ALA A 110 0.70 -0.75 -7.62
CA ALA A 110 2.15 -0.95 -7.64
C ALA A 110 2.80 0.03 -8.60
N LEU A 111 4.01 0.47 -8.24
CA LEU A 111 4.85 1.40 -8.96
C LEU A 111 6.01 0.67 -9.61
N GLN A 112 6.66 1.31 -10.58
CA GLN A 112 7.85 0.79 -11.26
C GLN A 112 9.01 0.79 -10.29
N ASP A 113 9.78 -0.31 -10.27
CA ASP A 113 10.94 -0.46 -9.38
CA ASP A 113 10.95 -0.48 -9.38
C ASP A 113 12.23 -0.01 -10.09
N MSE A 114 13.37 0.07 -9.37
CA MSE A 114 14.66 0.51 -9.91
C MSE A 114 15.79 -0.47 -9.66
O MSE A 114 15.73 -1.29 -8.74
CB MSE A 114 15.07 1.85 -9.30
CG MSE A 114 14.30 3.05 -9.84
SE MSE A 114 14.97 4.74 -9.10
CE MSE A 114 14.54 4.47 -7.21
N ASN A 115 16.88 -0.29 -10.44
CA ASN A 115 18.11 -1.05 -10.32
C ASN A 115 19.11 -0.27 -9.43
N ARG A 116 18.63 0.20 -8.25
CA ARG A 116 19.41 0.93 -7.24
C ARG A 116 18.82 0.71 -5.82
N ILE A 117 19.57 1.13 -4.77
CA ILE A 117 19.24 1.01 -3.33
C ILE A 117 17.89 1.72 -3.03
N PRO A 118 17.12 1.27 -1.99
CA PRO A 118 15.81 1.91 -1.73
C PRO A 118 15.92 3.40 -1.41
N ILE A 119 14.92 4.18 -1.84
CA ILE A 119 14.84 5.62 -1.63
C ILE A 119 14.88 5.92 -0.11
N ASP A 120 15.65 6.98 0.30
CA ASP A 120 15.73 7.38 1.72
C ASP A 120 14.98 8.70 1.97
N ILE A 121 14.40 9.31 0.90
CA ILE A 121 13.62 10.54 0.96
C ILE A 121 12.23 10.22 0.39
N ALA A 122 11.23 10.05 1.27
CA ALA A 122 9.85 9.69 0.92
C ALA A 122 9.32 10.40 -0.34
N ASP A 123 9.49 11.74 -0.44
CA ASP A 123 9.02 12.56 -1.55
C ASP A 123 9.59 12.12 -2.93
N ASP A 124 10.77 11.46 -2.97
CA ASP A 124 11.42 11.01 -4.21
C ASP A 124 10.72 9.82 -4.89
N VAL A 125 9.62 9.33 -4.31
CA VAL A 125 8.82 8.22 -4.84
C VAL A 125 8.00 8.71 -6.07
N ALA A 126 7.67 10.01 -6.10
CA ALA A 126 6.92 10.66 -7.17
C ALA A 126 7.67 10.62 -8.51
N THR A 127 9.02 10.42 -8.47
CA THR A 127 9.89 10.37 -9.65
C THR A 127 9.61 9.10 -10.47
N MSE A 128 8.79 8.19 -9.90
CA MSE A 128 8.41 6.92 -10.50
C MSE A 128 6.93 6.87 -10.87
O MSE A 128 6.09 7.33 -10.10
CB MSE A 128 8.73 5.77 -9.52
CG MSE A 128 9.33 4.58 -10.19
SE MSE A 128 11.14 4.95 -10.81
CE MSE A 128 11.33 3.55 -12.16
N GLY A 129 6.63 6.30 -12.03
CA GLY A 129 5.27 6.10 -12.51
C GLY A 129 4.72 4.76 -12.06
N LYS A 130 3.45 4.47 -12.42
CA LYS A 130 2.79 3.19 -12.11
C LYS A 130 3.48 2.04 -12.79
N SER A 131 3.34 0.84 -12.22
CA SER A 131 3.89 -0.38 -12.81
C SER A 131 3.08 -0.72 -14.05
N PRO A 132 3.71 -1.24 -15.15
CA PRO A 132 2.94 -1.55 -16.36
C PRO A 132 1.94 -2.69 -16.12
N HIS A 133 2.20 -3.58 -15.15
CA HIS A 133 1.30 -4.66 -14.77
C HIS A 133 0.53 -4.23 -13.54
N GLN A 134 -0.79 -3.98 -13.74
CA GLN A 134 -1.69 -3.50 -12.70
C GLN A 134 -2.72 -4.54 -12.28
N ASN A 135 -2.71 -5.72 -12.90
CA ASN A 135 -3.71 -6.76 -12.63
C ASN A 135 -3.70 -7.30 -11.18
N ASP A 136 -2.58 -7.18 -10.43
CA ASP A 136 -2.57 -7.66 -9.05
C ASP A 136 -2.82 -6.53 -8.05
N ARG A 137 -3.40 -5.43 -8.51
CA ARG A 137 -3.65 -4.29 -7.65
C ARG A 137 -4.67 -4.63 -6.56
N MSE A 138 -4.52 -4.00 -5.43
CA MSE A 138 -5.46 -4.18 -4.35
CA MSE A 138 -5.44 -4.18 -4.32
C MSE A 138 -6.57 -3.18 -4.44
O MSE A 138 -6.33 -2.05 -4.81
CB MSE A 138 -4.78 -4.04 -2.99
CB MSE A 138 -4.70 -3.97 -3.00
CG MSE A 138 -5.50 -4.80 -1.93
CG MSE A 138 -5.24 -4.82 -1.88
SE MSE A 138 -5.06 -6.69 -2.02
SE MSE A 138 -3.89 -4.99 -0.47
CE MSE A 138 -3.42 -6.65 -0.89
CE MSE A 138 -3.24 -6.78 -0.88
N THR A 139 -7.79 -3.58 -4.05
CA THR A 139 -8.95 -2.67 -4.00
C THR A 139 -9.35 -2.55 -2.54
N LEU A 140 -9.43 -1.33 -2.05
CA LEU A 140 -9.89 -1.08 -0.68
C LEU A 140 -11.27 -0.44 -0.76
N LYS A 141 -12.28 -1.02 -0.08
CA LYS A 141 -13.65 -0.48 -0.10
C LYS A 141 -13.95 0.03 1.26
N LEU A 142 -14.20 1.35 1.38
CA LEU A 142 -14.40 2.04 2.66
C LEU A 142 -15.62 1.53 3.41
N ASN A 143 -15.46 1.31 4.74
CA ASN A 143 -16.52 0.85 5.65
C ASN A 143 -17.19 2.05 6.36
P PO4 B . 17.10 9.19 -2.46
O1 PO4 B . 18.08 10.08 -1.65
O2 PO4 B . 17.37 9.42 -3.97
O3 PO4 B . 17.32 7.70 -2.04
O4 PO4 B . 15.64 9.62 -2.11
CL CL C . 11.92 10.96 4.53
#